data_2ZHZ
#
_entry.id   2ZHZ
#
_cell.length_a   53.907
_cell.length_b   148.174
_cell.length_c   158.096
_cell.angle_alpha   90.000
_cell.angle_beta   90.000
_cell.angle_gamma   90.000
#
_symmetry.space_group_name_H-M   'C 2 2 21'
#
loop_
_entity.id
_entity.type
_entity.pdbx_description
1 polymer 'ATP:cob(I)alamin adenosyltransferase, putative'
2 non-polymer 'MAGNESIUM ION'
3 non-polymer GLYCEROL
4 non-polymer "ADENOSINE-5'-TRIPHOSPHATE"
5 water water
#
_entity_poly.entity_id   1
_entity_poly.type   'polypeptide(L)'
_entity_poly.pdbx_seq_one_letter_code
;MGNRLSKIATRTGDDGTTGLGDGSRVRKDDARIAAIGDVDELNSQIGVLLAEPLPDDVRAALSAIQHDLFDLGGELCIPG
HAAITDAHLARLDGWLAHYNGQLPPLEEFILPGGARGAALAHVCRTVCRRAERSIVALGASEPLNAAPRRYVNRLSDLLF
VLARVLNRAAGGADVLWDRTRAH
;
_entity_poly.pdbx_strand_id   A,B,C
#
loop_
_chem_comp.id
_chem_comp.type
_chem_comp.name
_chem_comp.formula
ATP non-polymer ADENOSINE-5'-TRIPHOSPHATE 'C10 H16 N5 O13 P3'
GOL non-polymer GLYCEROL 'C3 H8 O3'
MG non-polymer 'MAGNESIUM ION' 'Mg 2'
#
# COMPACT_ATOMS: atom_id res chain seq x y z
N ASP A 29 -0.06 2.21 23.50
CA ASP A 29 0.75 3.02 22.55
C ASP A 29 0.02 3.20 21.22
N ASP A 30 0.65 2.81 20.13
CA ASP A 30 0.08 2.95 18.80
C ASP A 30 -0.52 1.66 18.25
N ALA A 31 -0.20 0.53 18.89
CA ALA A 31 -0.66 -0.77 18.42
C ALA A 31 -2.12 -0.94 18.03
N ARG A 32 -3.04 -0.54 18.89
CA ARG A 32 -4.47 -0.69 18.60
C ARG A 32 -4.94 0.17 17.44
N ILE A 33 -4.57 1.45 17.46
CA ILE A 33 -4.97 2.38 16.41
C ILE A 33 -4.35 1.96 15.06
N ALA A 34 -3.14 1.43 15.10
CA ALA A 34 -2.47 0.99 13.88
C ALA A 34 -3.15 -0.24 13.28
N ALA A 35 -3.52 -1.20 14.13
CA ALA A 35 -4.18 -2.42 13.68
C ALA A 35 -5.53 -2.04 13.05
N ILE A 36 -6.27 -1.18 13.73
CA ILE A 36 -7.57 -0.74 13.23
C ILE A 36 -7.40 -0.09 11.86
N GLY A 37 -6.38 0.76 11.73
CA GLY A 37 -6.13 1.43 10.46
C GLY A 37 -5.80 0.47 9.33
N ASP A 38 -4.98 -0.53 9.60
CA ASP A 38 -4.62 -1.49 8.56
C ASP A 38 -5.82 -2.34 8.12
N VAL A 39 -6.71 -2.66 9.06
CA VAL A 39 -7.90 -3.43 8.71
C VAL A 39 -8.77 -2.55 7.81
N ASP A 40 -8.82 -1.26 8.15
CA ASP A 40 -9.59 -0.28 7.39
C ASP A 40 -9.01 -0.16 5.98
N GLU A 41 -7.68 -0.09 5.90
CA GLU A 41 -7.00 0.02 4.60
C GLU A 41 -7.29 -1.21 3.75
N LEU A 42 -7.24 -2.39 4.38
CA LEU A 42 -7.53 -3.64 3.69
C LEU A 42 -8.95 -3.61 3.16
N ASN A 43 -9.89 -3.24 4.02
CA ASN A 43 -11.30 -3.18 3.63
C ASN A 43 -11.50 -2.23 2.43
N SER A 44 -10.75 -1.14 2.43
CA SER A 44 -10.83 -0.17 1.34
C SER A 44 -10.26 -0.77 0.06
N GLN A 45 -9.20 -1.54 0.16
CA GLN A 45 -8.62 -2.16 -1.03
C GLN A 45 -9.61 -3.17 -1.59
N ILE A 46 -10.36 -3.83 -0.72
CA ILE A 46 -11.36 -4.79 -1.18
C ILE A 46 -12.48 -4.01 -1.89
N GLY A 47 -12.75 -2.80 -1.42
CA GLY A 47 -13.76 -1.98 -2.07
C GLY A 47 -13.35 -1.66 -3.49
N VAL A 48 -12.05 -1.47 -3.70
CA VAL A 48 -11.54 -1.18 -5.05
C VAL A 48 -11.71 -2.42 -5.92
N LEU A 49 -11.43 -3.59 -5.34
CA LEU A 49 -11.57 -4.85 -6.07
C LEU A 49 -13.03 -5.07 -6.45
N LEU A 50 -13.95 -4.68 -5.57
CA LEU A 50 -15.37 -4.83 -5.82
C LEU A 50 -15.91 -3.90 -6.91
N ALA A 51 -15.10 -2.93 -7.31
CA ALA A 51 -15.51 -1.99 -8.37
C ALA A 51 -15.20 -2.59 -9.73
N GLU A 52 -14.59 -3.77 -9.72
CA GLU A 52 -14.24 -4.48 -10.94
C GLU A 52 -15.29 -5.52 -11.28
N PRO A 53 -15.29 -6.02 -12.53
CA PRO A 53 -16.28 -7.03 -12.90
C PRO A 53 -15.85 -8.31 -12.18
N LEU A 54 -16.79 -9.02 -11.59
CA LEU A 54 -16.47 -10.23 -10.84
C LEU A 54 -17.53 -11.31 -10.98
N PRO A 55 -17.15 -12.57 -10.74
CA PRO A 55 -18.14 -13.64 -10.84
C PRO A 55 -19.10 -13.34 -9.68
N ASP A 56 -20.39 -13.60 -9.86
CA ASP A 56 -21.36 -13.32 -8.80
C ASP A 56 -21.03 -13.91 -7.45
N ASP A 57 -20.53 -15.15 -7.45
CA ASP A 57 -20.19 -15.80 -6.19
C ASP A 57 -19.03 -15.08 -5.49
N VAL A 58 -18.01 -14.73 -6.26
CA VAL A 58 -16.85 -14.03 -5.70
C VAL A 58 -17.29 -12.69 -5.11
N ARG A 59 -18.16 -11.97 -5.83
CA ARG A 59 -18.65 -10.69 -5.35
C ARG A 59 -19.38 -10.85 -4.03
N ALA A 60 -20.21 -11.88 -3.92
CA ALA A 60 -20.96 -12.12 -2.70
C ALA A 60 -20.03 -12.38 -1.51
N ALA A 61 -18.98 -13.17 -1.73
CA ALA A 61 -18.04 -13.47 -0.67
C ALA A 61 -17.30 -12.20 -0.21
N LEU A 62 -16.75 -11.46 -1.18
CA LEU A 62 -16.04 -10.23 -0.86
C LEU A 62 -16.90 -9.21 -0.12
N SER A 63 -18.14 -9.03 -0.55
CA SER A 63 -19.03 -8.08 0.12
C SER A 63 -19.27 -8.48 1.57
N ALA A 64 -19.48 -9.77 1.80
CA ALA A 64 -19.71 -10.26 3.15
C ALA A 64 -18.46 -10.04 4.01
N ILE A 65 -17.30 -10.25 3.41
CA ILE A 65 -16.02 -10.05 4.11
C ILE A 65 -15.90 -8.60 4.56
N GLN A 66 -16.35 -7.66 3.73
CA GLN A 66 -16.27 -6.25 4.12
C GLN A 66 -17.02 -6.01 5.43
N HIS A 67 -18.18 -6.65 5.59
CA HIS A 67 -18.93 -6.50 6.82
C HIS A 67 -18.14 -7.13 7.98
N ASP A 68 -17.53 -8.28 7.71
CA ASP A 68 -16.73 -8.96 8.73
C ASP A 68 -15.60 -8.05 9.20
N LEU A 69 -14.91 -7.42 8.25
CA LEU A 69 -13.80 -6.54 8.58
C LEU A 69 -14.25 -5.32 9.37
N PHE A 70 -15.45 -4.84 9.08
CA PHE A 70 -15.98 -3.70 9.82
C PHE A 70 -16.16 -4.15 11.27
N ASP A 71 -16.75 -5.33 11.46
CA ASP A 71 -16.94 -5.84 12.81
C ASP A 71 -15.60 -6.14 13.50
N LEU A 72 -14.65 -6.65 12.73
CA LEU A 72 -13.33 -6.97 13.27
C LEU A 72 -12.68 -5.71 13.81
N GLY A 73 -12.74 -4.63 13.05
CA GLY A 73 -12.18 -3.37 13.49
C GLY A 73 -12.82 -2.90 14.77
N GLY A 74 -14.13 -3.12 14.89
CA GLY A 74 -14.84 -2.72 16.09
C GLY A 74 -14.37 -3.51 17.30
N GLU A 75 -14.08 -4.80 17.11
CA GLU A 75 -13.61 -5.64 18.20
C GLU A 75 -12.23 -5.17 18.67
N LEU A 76 -11.37 -4.82 17.73
CA LEU A 76 -10.03 -4.35 18.06
C LEU A 76 -10.11 -3.03 18.85
N CYS A 77 -11.09 -2.21 18.49
CA CYS A 77 -11.24 -0.91 19.12
C CYS A 77 -11.83 -0.93 20.54
N ILE A 78 -12.99 -1.55 20.69
CA ILE A 78 -13.66 -1.54 21.98
C ILE A 78 -13.33 -2.66 22.95
N PRO A 79 -12.83 -2.28 24.15
CA PRO A 79 -12.45 -3.21 25.21
C PRO A 79 -13.66 -3.97 25.77
N GLY A 80 -13.50 -5.26 25.97
CA GLY A 80 -14.59 -6.08 26.49
C GLY A 80 -15.60 -6.45 25.42
N HIS A 81 -15.36 -6.00 24.19
CA HIS A 81 -16.26 -6.27 23.08
C HIS A 81 -15.66 -7.24 22.07
N ALA A 82 -16.44 -8.27 21.72
CA ALA A 82 -16.00 -9.28 20.75
C ALA A 82 -17.03 -9.36 19.63
N ALA A 83 -16.60 -9.73 18.43
CA ALA A 83 -17.50 -9.82 17.29
C ALA A 83 -17.18 -10.99 16.36
N ILE A 84 -15.91 -11.35 16.26
CA ILE A 84 -15.49 -12.45 15.40
C ILE A 84 -15.60 -13.77 16.15
N THR A 85 -16.36 -14.71 15.59
CA THR A 85 -16.61 -16.01 16.20
C THR A 85 -16.16 -17.18 15.33
N ASP A 86 -16.32 -18.39 15.85
CA ASP A 86 -15.95 -19.58 15.10
C ASP A 86 -16.71 -19.60 13.79
N ALA A 87 -17.95 -19.12 13.82
CA ALA A 87 -18.79 -19.09 12.62
C ALA A 87 -18.14 -18.30 11.50
N HIS A 88 -17.44 -17.21 11.86
CA HIS A 88 -16.76 -16.39 10.86
C HIS A 88 -15.60 -17.17 10.27
N LEU A 89 -14.85 -17.84 11.14
CA LEU A 89 -13.71 -18.64 10.72
C LEU A 89 -14.18 -19.80 9.85
N ALA A 90 -15.27 -20.45 10.27
CA ALA A 90 -15.82 -21.58 9.55
C ALA A 90 -16.21 -21.18 8.13
N ARG A 91 -16.82 -20.00 7.98
CA ARG A 91 -17.24 -19.54 6.68
C ARG A 91 -16.03 -19.32 5.76
N LEU A 92 -14.95 -18.79 6.32
CA LEU A 92 -13.75 -18.59 5.52
C LEU A 92 -13.18 -19.95 5.12
N ASP A 93 -13.13 -20.88 6.07
CA ASP A 93 -12.63 -22.23 5.79
C ASP A 93 -13.44 -22.84 4.67
N GLY A 94 -14.75 -22.61 4.70
CA GLY A 94 -15.63 -23.15 3.68
C GLY A 94 -15.34 -22.57 2.31
N TRP A 95 -15.10 -21.26 2.25
CA TRP A 95 -14.79 -20.61 0.97
C TRP A 95 -13.46 -21.10 0.42
N LEU A 96 -12.49 -21.31 1.31
CA LEU A 96 -11.18 -21.80 0.89
C LEU A 96 -11.32 -23.17 0.24
N ALA A 97 -11.97 -24.08 0.94
CA ALA A 97 -12.18 -25.43 0.41
C ALA A 97 -12.92 -25.36 -0.92
N HIS A 98 -13.99 -24.57 -0.94
CA HIS A 98 -14.80 -24.42 -2.15
C HIS A 98 -14.04 -23.93 -3.38
N TYR A 99 -13.48 -22.73 -3.30
CA TYR A 99 -12.76 -22.16 -4.43
C TYR A 99 -11.51 -22.95 -4.82
N ASN A 100 -10.85 -23.55 -3.84
CA ASN A 100 -9.66 -24.35 -4.14
C ASN A 100 -10.03 -25.60 -4.92
N GLY A 101 -11.18 -26.18 -4.58
CA GLY A 101 -11.62 -27.39 -5.27
C GLY A 101 -12.23 -27.03 -6.61
N GLN A 102 -12.11 -25.75 -6.97
CA GLN A 102 -12.64 -25.24 -8.22
C GLN A 102 -11.46 -24.82 -9.11
N LEU A 103 -10.26 -25.05 -8.60
CA LEU A 103 -9.03 -24.69 -9.32
C LEU A 103 -8.12 -25.89 -9.48
N PRO A 104 -7.22 -25.85 -10.47
CA PRO A 104 -6.29 -26.96 -10.68
C PRO A 104 -5.19 -26.80 -9.64
N PRO A 105 -4.47 -27.88 -9.31
CA PRO A 105 -3.39 -27.80 -8.32
C PRO A 105 -2.29 -26.81 -8.70
N LEU A 106 -1.66 -26.23 -7.69
CA LEU A 106 -0.58 -25.27 -7.91
C LEU A 106 0.62 -26.00 -8.49
N GLU A 107 1.09 -25.55 -9.66
CA GLU A 107 2.21 -26.20 -10.34
C GLU A 107 3.56 -25.54 -10.08
N GLU A 108 3.54 -24.28 -9.68
CA GLU A 108 4.78 -23.54 -9.43
C GLU A 108 4.48 -22.27 -8.64
N PHE A 109 5.52 -21.62 -8.13
CA PHE A 109 5.35 -20.39 -7.40
C PHE A 109 4.67 -19.39 -8.33
N ILE A 110 3.75 -18.61 -7.79
CA ILE A 110 3.02 -17.63 -8.58
C ILE A 110 3.49 -16.21 -8.27
N LEU A 111 3.51 -15.36 -9.30
CA LEU A 111 3.88 -13.97 -9.13
C LEU A 111 2.55 -13.21 -9.06
N PRO A 112 2.47 -12.19 -8.20
CA PRO A 112 1.20 -11.47 -8.12
C PRO A 112 0.92 -10.67 -9.39
N GLY A 113 -0.19 -10.99 -10.06
CA GLY A 113 -0.53 -10.30 -11.29
C GLY A 113 -1.49 -11.10 -12.16
N GLY A 114 -1.70 -10.61 -13.38
CA GLY A 114 -2.61 -11.27 -14.31
C GLY A 114 -3.71 -10.30 -14.69
N ALA A 115 -4.95 -10.77 -14.70
CA ALA A 115 -6.07 -9.90 -15.02
C ALA A 115 -6.08 -8.83 -13.94
N ARG A 116 -6.61 -7.65 -14.25
CA ARG A 116 -6.64 -6.58 -13.25
C ARG A 116 -7.28 -7.03 -11.95
N GLY A 117 -8.36 -7.78 -12.04
CA GLY A 117 -9.04 -8.27 -10.85
C GLY A 117 -8.10 -9.11 -10.01
N ALA A 118 -7.40 -10.04 -10.65
CA ALA A 118 -6.46 -10.90 -9.96
C ALA A 118 -5.34 -10.09 -9.29
N ALA A 119 -4.82 -9.10 -10.02
CA ALA A 119 -3.74 -8.26 -9.50
C ALA A 119 -4.21 -7.50 -8.25
N LEU A 120 -5.42 -6.97 -8.29
CA LEU A 120 -5.97 -6.25 -7.15
C LEU A 120 -6.15 -7.19 -5.96
N ALA A 121 -6.61 -8.40 -6.25
CA ALA A 121 -6.80 -9.40 -5.19
C ALA A 121 -5.47 -9.65 -4.49
N HIS A 122 -4.38 -9.68 -5.25
CA HIS A 122 -3.07 -9.89 -4.67
C HIS A 122 -2.67 -8.71 -3.81
N VAL A 123 -3.04 -7.51 -4.22
CA VAL A 123 -2.74 -6.33 -3.41
C VAL A 123 -3.52 -6.47 -2.10
N CYS A 124 -4.78 -6.88 -2.21
CA CYS A 124 -5.60 -7.07 -1.01
C CYS A 124 -4.93 -8.10 -0.11
N ARG A 125 -4.41 -9.16 -0.72
CA ARG A 125 -3.73 -10.22 0.01
C ARG A 125 -2.57 -9.67 0.84
N THR A 126 -1.73 -8.85 0.21
CA THR A 126 -0.58 -8.29 0.92
C THR A 126 -0.97 -7.29 1.99
N VAL A 127 -2.05 -6.53 1.78
CA VAL A 127 -2.48 -5.57 2.78
C VAL A 127 -3.11 -6.33 3.95
N CYS A 128 -3.73 -7.46 3.65
CA CYS A 128 -4.34 -8.28 4.69
C CYS A 128 -3.22 -8.84 5.56
N ARG A 129 -2.12 -9.27 4.94
CA ARG A 129 -1.00 -9.80 5.71
C ARG A 129 -0.39 -8.69 6.56
N ARG A 130 -0.40 -7.46 6.04
CA ARG A 130 0.13 -6.32 6.78
C ARG A 130 -0.74 -6.10 8.02
N ALA A 131 -2.05 -6.22 7.85
CA ALA A 131 -3.00 -6.04 8.96
C ALA A 131 -2.79 -7.16 9.98
N GLU A 132 -2.51 -8.37 9.50
CA GLU A 132 -2.28 -9.49 10.39
C GLU A 132 -1.06 -9.22 11.27
N ARG A 133 -0.01 -8.65 10.68
CA ARG A 133 1.19 -8.33 11.45
C ARG A 133 0.87 -7.33 12.57
N SER A 134 0.06 -6.33 12.25
CA SER A 134 -0.33 -5.33 13.23
C SER A 134 -1.24 -5.92 14.32
N ILE A 135 -2.11 -6.84 13.92
CA ILE A 135 -3.01 -7.48 14.87
C ILE A 135 -2.20 -8.38 15.81
N VAL A 136 -1.19 -9.04 15.26
CA VAL A 136 -0.33 -9.90 16.08
C VAL A 136 0.45 -9.04 17.07
N ALA A 137 0.93 -7.89 16.61
CA ALA A 137 1.67 -6.98 17.49
C ALA A 137 0.77 -6.49 18.61
N LEU A 138 -0.48 -6.17 18.28
CA LEU A 138 -1.44 -5.69 19.26
C LEU A 138 -1.69 -6.75 20.34
N GLY A 139 -1.91 -7.99 19.91
CA GLY A 139 -2.16 -9.07 20.84
C GLY A 139 -0.98 -9.34 21.77
N ALA A 140 0.20 -8.88 21.36
CA ALA A 140 1.39 -9.09 22.17
C ALA A 140 1.51 -8.08 23.30
N SER A 141 0.85 -6.93 23.15
CA SER A 141 0.92 -5.89 24.17
C SER A 141 -0.39 -5.67 24.93
N GLU A 142 -1.44 -6.37 24.51
CA GLU A 142 -2.75 -6.24 25.15
C GLU A 142 -3.54 -7.52 25.03
N PRO A 143 -4.42 -7.81 26.01
CA PRO A 143 -5.23 -9.03 25.95
C PRO A 143 -6.17 -8.91 24.77
N LEU A 144 -6.14 -9.91 23.89
CA LEU A 144 -6.97 -9.91 22.70
C LEU A 144 -7.38 -11.34 22.39
N ASN A 145 -8.61 -11.54 21.91
CA ASN A 145 -9.05 -12.88 21.56
C ASN A 145 -8.23 -13.32 20.35
N ALA A 146 -8.18 -14.62 20.10
CA ALA A 146 -7.41 -15.14 18.98
C ALA A 146 -8.14 -15.06 17.64
N ALA A 147 -9.45 -14.92 17.68
CA ALA A 147 -10.26 -14.88 16.47
C ALA A 147 -9.82 -13.86 15.41
N PRO A 148 -9.51 -12.61 15.83
CA PRO A 148 -9.09 -11.63 14.83
C PRO A 148 -7.89 -12.05 13.97
N ARG A 149 -6.80 -12.49 14.60
CA ARG A 149 -5.65 -12.91 13.80
C ARG A 149 -5.95 -14.17 12.99
N ARG A 150 -6.75 -15.07 13.55
CA ARG A 150 -7.09 -16.30 12.83
C ARG A 150 -7.96 -15.96 11.62
N TYR A 151 -8.77 -14.91 11.75
CA TYR A 151 -9.62 -14.48 10.65
C TYR A 151 -8.78 -13.97 9.48
N VAL A 152 -7.90 -13.01 9.74
CA VAL A 152 -7.07 -12.47 8.68
C VAL A 152 -6.03 -13.45 8.14
N ASN A 153 -5.68 -14.45 8.96
CA ASN A 153 -4.72 -15.47 8.53
C ASN A 153 -5.42 -16.24 7.39
N ARG A 154 -6.67 -16.60 7.62
CA ARG A 154 -7.45 -17.30 6.62
C ARG A 154 -7.77 -16.42 5.43
N LEU A 155 -8.10 -15.16 5.70
CA LEU A 155 -8.44 -14.22 4.63
C LEU A 155 -7.30 -14.02 3.64
N SER A 156 -6.07 -13.96 4.13
CA SER A 156 -4.91 -13.79 3.26
C SER A 156 -4.86 -14.97 2.29
N ASP A 157 -5.04 -16.18 2.83
CA ASP A 157 -5.01 -17.37 2.00
C ASP A 157 -6.16 -17.36 0.99
N LEU A 158 -7.34 -16.91 1.41
CA LEU A 158 -8.49 -16.86 0.53
C LEU A 158 -8.31 -15.85 -0.60
N LEU A 159 -7.70 -14.70 -0.30
CA LEU A 159 -7.47 -13.70 -1.32
C LEU A 159 -6.51 -14.23 -2.38
N PHE A 160 -5.57 -15.08 -1.95
CA PHE A 160 -4.62 -15.70 -2.87
C PHE A 160 -5.40 -16.61 -3.82
N VAL A 161 -6.30 -17.40 -3.23
CA VAL A 161 -7.13 -18.33 -3.98
C VAL A 161 -8.06 -17.58 -4.93
N LEU A 162 -8.69 -16.52 -4.43
CA LEU A 162 -9.60 -15.75 -5.27
C LEU A 162 -8.87 -15.09 -6.44
N ALA A 163 -7.59 -14.76 -6.24
CA ALA A 163 -6.82 -14.17 -7.33
C ALA A 163 -6.74 -15.20 -8.46
N ARG A 164 -6.47 -16.44 -8.10
CA ARG A 164 -6.37 -17.50 -9.09
C ARG A 164 -7.72 -17.71 -9.80
N VAL A 165 -8.79 -17.62 -9.02
CA VAL A 165 -10.14 -17.79 -9.57
C VAL A 165 -10.42 -16.68 -10.59
N LEU A 166 -10.01 -15.45 -10.27
CA LEU A 166 -10.23 -14.33 -11.16
C LEU A 166 -9.41 -14.42 -12.44
N ASN A 167 -8.20 -14.96 -12.36
CA ASN A 167 -7.39 -15.10 -13.56
C ASN A 167 -8.10 -16.13 -14.43
N ARG A 168 -8.57 -17.18 -13.79
CA ARG A 168 -9.29 -18.27 -14.45
C ARG A 168 -10.54 -17.71 -15.14
N ALA A 169 -11.33 -16.98 -14.37
CA ALA A 169 -12.57 -16.39 -14.87
C ALA A 169 -12.33 -15.40 -16.01
N ALA A 170 -11.13 -14.84 -16.07
CA ALA A 170 -10.80 -13.89 -17.12
C ALA A 170 -10.31 -14.62 -18.37
N GLY A 171 -10.28 -15.94 -18.29
CA GLY A 171 -9.82 -16.73 -19.43
C GLY A 171 -8.30 -16.79 -19.50
N GLY A 172 -7.66 -16.18 -18.51
CA GLY A 172 -6.20 -16.18 -18.48
C GLY A 172 -5.66 -17.20 -17.49
N ALA A 173 -4.38 -17.05 -17.14
CA ALA A 173 -3.73 -17.97 -16.21
C ALA A 173 -2.84 -17.19 -15.24
N ASP A 174 -2.43 -17.85 -14.15
CA ASP A 174 -1.57 -17.22 -13.16
C ASP A 174 -0.20 -16.93 -13.75
N VAL A 175 0.46 -15.91 -13.23
CA VAL A 175 1.80 -15.55 -13.69
C VAL A 175 2.79 -16.43 -12.93
N LEU A 176 3.66 -17.14 -13.67
CA LEU A 176 4.62 -18.02 -13.03
C LEU A 176 6.06 -17.51 -13.07
N LEU B 5 -11.37 -23.67 23.79
CA LEU B 5 -12.78 -23.19 23.71
C LEU B 5 -13.28 -23.16 22.27
N SER B 6 -12.39 -22.82 21.33
CA SER B 6 -12.76 -22.75 19.92
C SER B 6 -12.93 -24.14 19.31
N LYS B 7 -13.97 -24.30 18.51
CA LYS B 7 -14.24 -25.59 17.85
C LYS B 7 -13.70 -25.65 16.43
N ILE B 8 -12.96 -24.61 16.03
CA ILE B 8 -12.39 -24.56 14.69
C ILE B 8 -10.96 -25.07 14.69
N ALA B 9 -10.67 -26.00 13.79
CA ALA B 9 -9.33 -26.59 13.67
C ALA B 9 -8.26 -25.51 13.49
N THR B 10 -7.09 -25.76 14.06
CA THR B 10 -6.00 -24.81 13.97
C THR B 10 -5.25 -24.89 12.65
N ARG B 11 -4.84 -23.74 12.13
CA ARG B 11 -4.08 -23.66 10.91
C ARG B 11 -2.66 -23.25 11.29
N THR B 12 -1.69 -23.63 10.46
CA THR B 12 -0.27 -23.38 10.68
C THR B 12 0.17 -22.13 11.46
N GLY B 13 -0.25 -20.96 11.01
CA GLY B 13 0.13 -19.72 11.67
C GLY B 13 -0.95 -19.06 12.49
N ASP B 14 -1.93 -19.84 12.95
CA ASP B 14 -3.00 -19.28 13.76
C ASP B 14 -2.51 -18.70 15.09
N ASP B 15 -1.33 -19.15 15.54
CA ASP B 15 -0.80 -18.66 16.81
C ASP B 15 0.00 -17.37 16.69
N GLY B 16 0.02 -16.79 15.49
CA GLY B 16 0.73 -15.54 15.30
C GLY B 16 2.20 -15.69 14.94
N THR B 17 2.65 -16.91 14.72
CA THR B 17 4.05 -17.13 14.34
C THR B 17 4.09 -17.74 12.95
N THR B 18 5.26 -17.70 12.32
CA THR B 18 5.43 -18.26 10.99
C THR B 18 6.85 -18.80 10.88
N GLY B 19 7.13 -19.57 9.84
CA GLY B 19 8.46 -20.13 9.69
C GLY B 19 9.27 -19.50 8.58
N LEU B 20 10.59 -19.51 8.74
CA LEU B 20 11.50 -18.97 7.74
C LEU B 20 12.06 -20.15 6.95
N GLY B 21 12.68 -19.84 5.81
CA GLY B 21 13.22 -20.89 4.95
C GLY B 21 14.27 -21.81 5.55
N ASP B 22 14.88 -21.40 6.67
CA ASP B 22 15.91 -22.22 7.29
C ASP B 22 15.34 -23.12 8.39
N GLY B 23 14.03 -23.09 8.56
CA GLY B 23 13.40 -23.91 9.58
C GLY B 23 13.07 -23.21 10.88
N SER B 24 13.60 -22.00 11.06
CA SER B 24 13.35 -21.25 12.30
C SER B 24 11.96 -20.61 12.29
N ARG B 25 11.45 -20.32 13.48
CA ARG B 25 10.14 -19.69 13.63
C ARG B 25 10.27 -18.30 14.23
N VAL B 26 9.41 -17.40 13.78
CA VAL B 26 9.41 -16.03 14.28
C VAL B 26 7.98 -15.55 14.37
N ARG B 27 7.74 -14.53 15.20
CA ARG B 27 6.40 -13.99 15.35
C ARG B 27 6.15 -13.18 14.08
N LYS B 28 4.89 -13.11 13.65
CA LYS B 28 4.58 -12.39 12.41
C LYS B 28 4.87 -10.90 12.41
N ASP B 29 5.09 -10.30 13.58
CA ASP B 29 5.40 -8.87 13.63
C ASP B 29 6.91 -8.62 13.64
N ASP B 30 7.68 -9.68 13.46
CA ASP B 30 9.14 -9.59 13.44
C ASP B 30 9.56 -8.67 12.28
N ALA B 31 10.64 -7.92 12.46
CA ALA B 31 11.14 -7.01 11.43
C ALA B 31 11.41 -7.71 10.10
N ARG B 32 11.85 -8.97 10.16
CA ARG B 32 12.13 -9.71 8.93
C ARG B 32 10.84 -10.03 8.17
N ILE B 33 9.79 -10.39 8.90
CA ILE B 33 8.52 -10.72 8.28
C ILE B 33 7.89 -9.46 7.69
N ALA B 34 8.10 -8.33 8.35
CA ALA B 34 7.58 -7.06 7.87
C ALA B 34 8.24 -6.68 6.54
N ALA B 35 9.56 -6.85 6.46
CA ALA B 35 10.28 -6.52 5.23
C ALA B 35 9.81 -7.44 4.09
N ILE B 36 9.70 -8.73 4.37
CA ILE B 36 9.23 -9.67 3.37
C ILE B 36 7.86 -9.23 2.88
N GLY B 37 7.03 -8.78 3.83
CA GLY B 37 5.68 -8.33 3.47
C GLY B 37 5.64 -7.12 2.57
N ASP B 38 6.44 -6.12 2.88
CA ASP B 38 6.48 -4.90 2.08
C ASP B 38 7.00 -5.19 0.67
N VAL B 39 7.94 -6.12 0.55
CA VAL B 39 8.48 -6.49 -0.76
C VAL B 39 7.36 -7.15 -1.57
N ASP B 40 6.59 -8.00 -0.91
CA ASP B 40 5.47 -8.71 -1.52
C ASP B 40 4.40 -7.69 -1.95
N GLU B 41 4.13 -6.71 -1.09
CA GLU B 41 3.13 -5.69 -1.40
C GLU B 41 3.59 -4.88 -2.62
N LEU B 42 4.88 -4.58 -2.67
CA LEU B 42 5.43 -3.84 -3.80
C LEU B 42 5.26 -4.66 -5.07
N ASN B 43 5.62 -5.94 -5.00
CA ASN B 43 5.50 -6.80 -6.17
C ASN B 43 4.05 -6.86 -6.66
N SER B 44 3.11 -6.83 -5.72
CA SER B 44 1.70 -6.87 -6.07
C SER B 44 1.24 -5.59 -6.77
N GLN B 45 1.74 -4.45 -6.31
CA GLN B 45 1.36 -3.19 -6.94
C GLN B 45 1.91 -3.16 -8.36
N ILE B 46 3.10 -3.74 -8.56
CA ILE B 46 3.68 -3.80 -9.90
C ILE B 46 2.79 -4.68 -10.77
N GLY B 47 2.17 -5.68 -10.16
CA GLY B 47 1.27 -6.56 -10.88
C GLY B 47 0.06 -5.79 -11.37
N VAL B 48 -0.38 -4.80 -10.58
CA VAL B 48 -1.52 -3.99 -10.96
C VAL B 48 -1.14 -3.10 -12.14
N LEU B 49 0.07 -2.56 -12.09
CA LEU B 49 0.58 -1.72 -13.17
C LEU B 49 0.70 -2.55 -14.46
N LEU B 50 1.17 -3.79 -14.32
CA LEU B 50 1.32 -4.66 -15.48
C LEU B 50 -0.01 -5.02 -16.13
N ALA B 51 -1.11 -4.77 -15.42
CA ALA B 51 -2.44 -5.07 -15.95
C ALA B 51 -2.95 -3.92 -16.83
N GLU B 52 -2.16 -2.86 -16.92
CA GLU B 52 -2.50 -1.70 -17.74
C GLU B 52 -1.80 -1.80 -19.09
N PRO B 53 -2.23 -0.99 -20.07
CA PRO B 53 -1.59 -1.03 -21.39
C PRO B 53 -0.20 -0.42 -21.18
N LEU B 54 0.83 -1.04 -21.76
CA LEU B 54 2.19 -0.54 -21.58
C LEU B 54 3.07 -0.77 -22.80
N PRO B 55 4.14 0.02 -22.94
CA PRO B 55 5.03 -0.17 -24.08
C PRO B 55 5.67 -1.53 -23.85
N ASP B 56 5.93 -2.29 -24.91
CA ASP B 56 6.52 -3.61 -24.78
C ASP B 56 7.79 -3.66 -23.94
N ASP B 57 8.67 -2.69 -24.12
CA ASP B 57 9.92 -2.67 -23.38
C ASP B 57 9.68 -2.42 -21.89
N VAL B 58 8.77 -1.52 -21.57
CA VAL B 58 8.45 -1.21 -20.18
C VAL B 58 7.86 -2.45 -19.50
N ARG B 59 7.00 -3.17 -20.22
CA ARG B 59 6.39 -4.38 -19.70
C ARG B 59 7.46 -5.43 -19.43
N ALA B 60 8.41 -5.54 -20.36
CA ALA B 60 9.49 -6.51 -20.22
C ALA B 60 10.33 -6.23 -18.98
N ALA B 61 10.65 -4.97 -18.74
CA ALA B 61 11.46 -4.61 -17.59
C ALA B 61 10.70 -4.87 -16.28
N LEU B 62 9.44 -4.42 -16.22
CA LEU B 62 8.62 -4.61 -15.02
C LEU B 62 8.36 -6.09 -14.73
N SER B 63 8.18 -6.90 -15.78
CA SER B 63 7.95 -8.32 -15.59
C SER B 63 9.19 -8.97 -14.99
N ALA B 64 10.35 -8.57 -15.50
CA ALA B 64 11.62 -9.11 -15.01
C ALA B 64 11.82 -8.70 -13.56
N ILE B 65 11.39 -7.49 -13.23
CA ILE B 65 11.54 -6.97 -11.88
C ILE B 65 10.72 -7.80 -10.88
N GLN B 66 9.55 -8.29 -11.30
CA GLN B 66 8.73 -9.10 -10.41
C GLN B 66 9.50 -10.36 -10.00
N HIS B 67 10.27 -10.89 -10.94
CA HIS B 67 11.08 -12.09 -10.69
C HIS B 67 12.18 -11.73 -9.70
N ASP B 68 12.78 -10.55 -9.89
CA ASP B 68 13.84 -10.09 -8.99
C ASP B 68 13.30 -9.95 -7.58
N LEU B 69 12.11 -9.36 -7.48
CA LEU B 69 11.47 -9.14 -6.18
C LEU B 69 11.10 -10.46 -5.51
N PHE B 70 10.76 -11.45 -6.31
CA PHE B 70 10.44 -12.76 -5.76
C PHE B 70 11.70 -13.32 -5.12
N ASP B 71 12.83 -13.16 -5.81
CA ASP B 71 14.10 -13.66 -5.28
C ASP B 71 14.58 -12.86 -4.08
N LEU B 72 14.34 -11.55 -4.11
CA LEU B 72 14.75 -10.69 -3.00
C LEU B 72 13.99 -11.13 -1.75
N GLY B 73 12.70 -11.41 -1.92
CA GLY B 73 11.88 -11.86 -0.80
C GLY B 73 12.37 -13.21 -0.31
N GLY B 74 12.76 -14.06 -1.26
CA GLY B 74 13.26 -15.38 -0.93
C GLY B 74 14.55 -15.26 -0.12
N GLU B 75 15.36 -14.27 -0.45
CA GLU B 75 16.61 -14.04 0.27
C GLU B 75 16.31 -13.59 1.69
N LEU B 76 15.25 -12.80 1.85
CA LEU B 76 14.87 -12.34 3.19
C LEU B 76 14.27 -13.49 4.00
N CYS B 77 13.73 -14.48 3.30
CA CYS B 77 13.11 -15.65 3.93
C CYS B 77 14.13 -16.68 4.41
N ILE B 78 15.28 -16.74 3.74
CA ILE B 78 16.32 -17.67 4.11
C ILE B 78 17.55 -16.92 4.59
N PRO B 79 17.64 -16.66 5.90
CA PRO B 79 18.77 -15.94 6.48
C PRO B 79 20.11 -16.48 5.99
N GLY B 80 21.00 -15.57 5.58
CA GLY B 80 22.30 -15.98 5.09
C GLY B 80 22.31 -16.32 3.62
N HIS B 81 21.13 -16.31 3.00
CA HIS B 81 21.01 -16.62 1.58
C HIS B 81 21.31 -15.37 0.77
N ALA B 82 21.79 -15.54 -0.46
CA ALA B 82 22.11 -14.42 -1.31
C ALA B 82 21.61 -14.65 -2.74
N ALA B 83 20.46 -14.06 -3.05
CA ALA B 83 19.87 -14.22 -4.38
C ALA B 83 20.10 -12.97 -5.23
N ILE B 84 20.21 -11.82 -4.58
CA ILE B 84 20.44 -10.57 -5.29
C ILE B 84 21.93 -10.31 -5.44
N THR B 85 22.38 -10.16 -6.68
CA THR B 85 23.80 -9.95 -6.99
C THR B 85 24.06 -8.63 -7.73
N ASP B 86 25.33 -8.39 -8.06
CA ASP B 86 25.69 -7.18 -8.79
C ASP B 86 24.98 -7.18 -10.13
N ALA B 87 24.73 -8.36 -10.67
CA ALA B 87 24.05 -8.49 -11.95
C ALA B 87 22.67 -7.83 -11.87
N HIS B 88 21.98 -8.05 -10.76
CA HIS B 88 20.66 -7.47 -10.55
C HIS B 88 20.75 -5.94 -10.49
N LEU B 89 21.72 -5.44 -9.73
CA LEU B 89 21.90 -4.01 -9.58
C LEU B 89 22.35 -3.38 -10.89
N ALA B 90 23.17 -4.09 -11.65
CA ALA B 90 23.67 -3.59 -12.93
C ALA B 90 22.51 -3.43 -13.91
N ARG B 91 21.60 -4.39 -13.90
CA ARG B 91 20.47 -4.33 -14.81
C ARG B 91 19.57 -3.14 -14.51
N LEU B 92 19.35 -2.85 -13.23
CA LEU B 92 18.53 -1.71 -12.84
C LEU B 92 19.23 -0.44 -13.28
N ASP B 93 20.54 -0.35 -13.02
CA ASP B 93 21.31 0.82 -13.40
C ASP B 93 21.27 1.01 -14.92
N GLY B 94 21.21 -0.11 -15.65
CA GLY B 94 21.15 -0.04 -17.09
C GLY B 94 19.82 0.50 -17.57
N TRP B 95 18.74 0.02 -17.00
CA TRP B 95 17.41 0.49 -17.37
C TRP B 95 17.30 1.97 -17.05
N LEU B 96 17.90 2.38 -15.93
CA LEU B 96 17.88 3.78 -15.53
C LEU B 96 18.56 4.64 -16.60
N ALA B 97 19.75 4.24 -17.01
CA ALA B 97 20.48 4.99 -18.04
C ALA B 97 19.70 4.96 -19.35
N HIS B 98 19.16 3.79 -19.68
CA HIS B 98 18.39 3.62 -20.91
C HIS B 98 17.21 4.59 -21.01
N TYR B 99 16.36 4.62 -19.99
CA TYR B 99 15.20 5.49 -20.01
C TYR B 99 15.49 6.97 -19.76
N ASN B 100 16.40 7.27 -18.86
CA ASN B 100 16.75 8.66 -18.57
C ASN B 100 17.38 9.32 -19.79
N GLY B 101 18.14 8.55 -20.55
CA GLY B 101 18.78 9.09 -21.73
C GLY B 101 17.80 9.54 -22.79
N GLN B 102 16.62 8.94 -22.81
CA GLN B 102 15.59 9.27 -23.79
C GLN B 102 14.59 10.34 -23.32
N LEU B 103 14.76 10.78 -22.08
CA LEU B 103 13.86 11.79 -21.50
C LEU B 103 14.56 13.13 -21.31
N PRO B 104 13.81 14.24 -21.47
CA PRO B 104 14.44 15.54 -21.29
C PRO B 104 14.79 15.71 -19.81
N PRO B 105 15.82 16.51 -19.51
CA PRO B 105 16.22 16.71 -18.11
C PRO B 105 15.08 17.18 -17.22
N LEU B 106 15.06 16.67 -15.99
CA LEU B 106 14.02 17.02 -15.03
C LEU B 106 14.20 18.48 -14.62
N GLU B 107 13.23 19.32 -14.97
CA GLU B 107 13.28 20.75 -14.66
C GLU B 107 12.71 21.08 -13.28
N GLU B 108 11.39 21.24 -13.23
CA GLU B 108 10.70 21.58 -11.99
C GLU B 108 10.40 20.30 -11.21
N PHE B 109 10.01 20.46 -9.95
CA PHE B 109 9.65 19.30 -9.15
C PHE B 109 8.35 18.81 -9.75
N ILE B 110 8.12 17.51 -9.76
CA ILE B 110 6.87 17.00 -10.30
C ILE B 110 6.04 16.34 -9.22
N LEU B 111 4.75 16.29 -9.46
CA LEU B 111 3.82 15.67 -8.53
C LEU B 111 3.49 14.28 -9.05
N PRO B 112 3.22 13.33 -8.15
CA PRO B 112 2.90 11.97 -8.61
C PRO B 112 1.52 11.90 -9.28
N GLY B 113 1.51 11.48 -10.55
CA GLY B 113 0.24 11.40 -11.27
C GLY B 113 0.41 11.52 -12.77
N GLY B 114 -0.70 11.74 -13.46
CA GLY B 114 -0.67 11.86 -14.91
C GLY B 114 -1.52 10.78 -15.52
N ALA B 115 -1.00 10.07 -16.52
CA ALA B 115 -1.76 8.99 -17.13
C ALA B 115 -1.93 7.93 -16.03
N ARG B 116 -2.99 7.13 -16.12
CA ARG B 116 -3.24 6.11 -15.10
C ARG B 116 -2.02 5.21 -14.84
N GLY B 117 -1.32 4.85 -15.92
CA GLY B 117 -0.15 4.00 -15.77
C GLY B 117 0.97 4.70 -15.00
N ALA B 118 1.21 5.96 -15.34
CA ALA B 118 2.25 6.73 -14.66
C ALA B 118 1.90 6.94 -13.19
N ALA B 119 0.61 7.13 -12.92
CA ALA B 119 0.15 7.32 -11.54
C ALA B 119 0.38 6.05 -10.74
N LEU B 120 0.09 4.90 -11.34
CA LEU B 120 0.28 3.63 -10.68
C LEU B 120 1.78 3.40 -10.44
N ALA B 121 2.61 3.81 -11.40
CA ALA B 121 4.05 3.64 -11.26
C ALA B 121 4.54 4.43 -10.05
N HIS B 122 3.92 5.59 -9.80
CA HIS B 122 4.30 6.40 -8.65
C HIS B 122 3.89 5.73 -7.35
N VAL B 123 2.76 5.02 -7.36
CA VAL B 123 2.33 4.30 -6.17
C VAL B 123 3.37 3.19 -5.93
N CYS B 124 3.78 2.52 -7.00
CA CYS B 124 4.78 1.47 -6.89
C CYS B 124 6.05 2.05 -6.30
N ARG B 125 6.43 3.24 -6.77
CA ARG B 125 7.63 3.93 -6.30
C ARG B 125 7.56 4.15 -4.78
N THR B 126 6.45 4.67 -4.29
CA THR B 126 6.32 4.92 -2.86
C THR B 126 6.25 3.64 -2.03
N VAL B 127 5.63 2.59 -2.55
CA VAL B 127 5.57 1.35 -1.80
C VAL B 127 6.98 0.74 -1.80
N CYS B 128 7.71 0.97 -2.88
CA CYS B 128 9.08 0.45 -2.97
C CYS B 128 9.94 1.13 -1.91
N ARG B 129 9.76 2.43 -1.75
CA ARG B 129 10.53 3.17 -0.75
C ARG B 129 10.16 2.75 0.67
N ARG B 130 8.92 2.32 0.84
CA ARG B 130 8.44 1.83 2.13
C ARG B 130 9.18 0.50 2.41
N ALA B 131 9.33 -0.32 1.38
CA ALA B 131 10.03 -1.59 1.52
C ALA B 131 11.49 -1.33 1.86
N GLU B 132 12.06 -0.27 1.28
CA GLU B 132 13.45 0.05 1.56
C GLU B 132 13.62 0.37 3.04
N ARG B 133 12.68 1.13 3.60
CA ARG B 133 12.76 1.47 5.02
C ARG B 133 12.70 0.23 5.92
N SER B 134 11.82 -0.71 5.59
CA SER B 134 11.69 -1.91 6.40
C SER B 134 12.90 -2.85 6.22
N ILE B 135 13.52 -2.80 5.05
CA ILE B 135 14.70 -3.62 4.78
C ILE B 135 15.87 -3.02 5.57
N VAL B 136 15.93 -1.69 5.60
CA VAL B 136 16.99 -1.01 6.34
C VAL B 136 16.83 -1.27 7.84
N ALA B 137 15.58 -1.32 8.30
CA ALA B 137 15.29 -1.57 9.70
C ALA B 137 15.69 -3.00 10.07
N LEU B 138 15.43 -3.94 9.18
CA LEU B 138 15.77 -5.33 9.43
C LEU B 138 17.29 -5.47 9.52
N GLY B 139 18.00 -4.79 8.64
CA GLY B 139 19.45 -4.85 8.62
C GLY B 139 20.12 -4.24 9.82
N ALA B 140 19.41 -3.36 10.52
CA ALA B 140 19.96 -2.71 11.71
C ALA B 140 19.86 -3.61 12.94
N SER B 141 19.06 -4.66 12.85
CA SER B 141 18.88 -5.57 13.97
C SER B 141 19.36 -6.98 13.65
N GLU B 142 19.66 -7.22 12.38
CA GLU B 142 20.12 -8.52 11.93
C GLU B 142 21.11 -8.39 10.79
N PRO B 143 22.21 -9.15 10.82
CA PRO B 143 23.21 -9.07 9.73
C PRO B 143 22.53 -9.40 8.41
N LEU B 144 22.63 -8.49 7.46
CA LEU B 144 22.00 -8.69 6.16
C LEU B 144 22.94 -8.21 5.06
N ASN B 145 22.81 -8.79 3.87
CA ASN B 145 23.64 -8.37 2.75
C ASN B 145 23.15 -6.98 2.36
N ALA B 146 24.02 -6.19 1.74
CA ALA B 146 23.64 -4.84 1.34
C ALA B 146 22.87 -4.82 0.02
N ALA B 147 23.02 -5.86 -0.78
CA ALA B 147 22.35 -5.95 -2.07
C ALA B 147 20.84 -5.63 -2.07
N PRO B 148 20.06 -6.27 -1.16
CA PRO B 148 18.62 -6.00 -1.12
C PRO B 148 18.30 -4.51 -1.01
N ARG B 149 19.00 -3.86 -0.09
CA ARG B 149 18.88 -2.44 0.18
C ARG B 149 19.24 -1.62 -1.06
N ARG B 150 20.37 -1.98 -1.67
CA ARG B 150 20.84 -1.27 -2.86
C ARG B 150 19.90 -1.49 -4.03
N TYR B 151 19.27 -2.66 -4.08
CA TYR B 151 18.35 -2.98 -5.16
C TYR B 151 17.09 -2.11 -5.13
N VAL B 152 16.42 -2.07 -3.98
CA VAL B 152 15.21 -1.27 -3.88
C VAL B 152 15.51 0.23 -3.97
N ASN B 153 16.73 0.61 -3.61
CA ASN B 153 17.14 2.01 -3.68
C ASN B 153 17.06 2.43 -5.15
N ARG B 154 17.62 1.58 -6.02
CA ARG B 154 17.62 1.83 -7.45
C ARG B 154 16.23 1.67 -8.06
N LEU B 155 15.47 0.69 -7.58
CA LEU B 155 14.14 0.46 -8.12
C LEU B 155 13.18 1.65 -7.96
N SER B 156 13.20 2.33 -6.82
CA SER B 156 12.29 3.47 -6.66
C SER B 156 12.67 4.56 -7.66
N ASP B 157 13.97 4.69 -7.92
CA ASP B 157 14.46 5.66 -8.89
C ASP B 157 13.92 5.27 -10.27
N LEU B 158 14.07 4.00 -10.63
CA LEU B 158 13.58 3.51 -11.92
C LEU B 158 12.07 3.65 -12.07
N LEU B 159 11.34 3.44 -10.97
CA LEU B 159 9.89 3.56 -11.02
C LEU B 159 9.51 5.01 -11.29
N PHE B 160 10.28 5.94 -10.73
CA PHE B 160 10.04 7.36 -10.95
C PHE B 160 10.27 7.64 -12.45
N VAL B 161 11.38 7.12 -12.96
CA VAL B 161 11.73 7.31 -14.36
C VAL B 161 10.71 6.69 -15.30
N LEU B 162 10.24 5.49 -14.96
CA LEU B 162 9.25 4.83 -15.80
C LEU B 162 7.93 5.57 -15.78
N ALA B 163 7.62 6.25 -14.67
CA ALA B 163 6.39 7.02 -14.61
C ALA B 163 6.45 8.14 -15.66
N ARG B 164 7.61 8.77 -15.79
CA ARG B 164 7.78 9.84 -16.78
C ARG B 164 7.67 9.23 -18.18
N VAL B 165 8.27 8.06 -18.37
CA VAL B 165 8.22 7.36 -19.65
C VAL B 165 6.77 7.07 -20.02
N LEU B 166 5.98 6.65 -19.04
CA LEU B 166 4.57 6.33 -19.28
C LEU B 166 3.70 7.54 -19.59
N ASN B 167 4.03 8.69 -19.00
CA ASN B 167 3.25 9.89 -19.30
C ASN B 167 3.50 10.29 -20.76
N ARG B 168 4.74 10.15 -21.21
CA ARG B 168 5.12 10.46 -22.59
C ARG B 168 4.40 9.52 -23.54
N ALA B 169 4.45 8.23 -23.21
CA ALA B 169 3.83 7.19 -24.03
C ALA B 169 2.34 7.43 -24.23
N ALA B 170 1.70 8.01 -23.22
CA ALA B 170 0.26 8.28 -23.29
C ALA B 170 -0.01 9.57 -24.04
N GLY B 171 1.06 10.24 -24.45
CA GLY B 171 0.92 11.49 -25.19
C GLY B 171 0.74 12.68 -24.27
N GLY B 172 1.08 12.50 -23.00
CA GLY B 172 0.96 13.58 -22.04
C GLY B 172 2.30 14.03 -21.51
N ALA B 173 2.28 14.60 -20.31
CA ALA B 173 3.50 15.08 -19.68
C ALA B 173 3.40 14.89 -18.16
N ASP B 174 4.46 15.23 -17.46
CA ASP B 174 4.48 15.09 -16.01
C ASP B 174 3.74 16.25 -15.36
N VAL B 175 3.12 15.97 -14.22
CA VAL B 175 2.39 16.99 -13.47
C VAL B 175 3.43 17.77 -12.67
N LEU B 176 3.48 19.08 -12.89
CA LEU B 176 4.47 19.91 -12.20
C LEU B 176 3.96 20.59 -10.93
N TRP B 177 4.87 20.74 -9.96
CA TRP B 177 4.54 21.39 -8.70
C TRP B 177 4.58 22.90 -8.93
N ASP B 178 3.78 23.64 -8.19
CA ASP B 178 3.73 25.09 -8.34
C ASP B 178 5.07 25.75 -8.01
N LEU C 5 34.22 -7.24 -2.62
CA LEU C 5 33.86 -5.85 -3.06
C LEU C 5 32.91 -5.88 -4.26
N SER C 6 31.81 -5.15 -4.14
CA SER C 6 30.85 -5.08 -5.23
C SER C 6 31.48 -4.33 -6.41
N LYS C 7 31.14 -4.75 -7.62
CA LYS C 7 31.67 -4.12 -8.83
C LYS C 7 30.77 -2.98 -9.28
N ILE C 8 29.69 -2.76 -8.53
CA ILE C 8 28.74 -1.70 -8.87
C ILE C 8 28.99 -0.44 -8.04
N ALA C 9 28.97 0.70 -8.72
CA ALA C 9 29.19 1.98 -8.06
C ALA C 9 28.18 2.15 -6.94
N THR C 10 28.54 2.95 -5.94
CA THR C 10 27.66 3.18 -4.81
C THR C 10 26.91 4.50 -4.94
N ARG C 11 25.66 4.51 -4.50
CA ARG C 11 24.84 5.70 -4.51
C ARG C 11 24.94 6.23 -3.08
N THR C 12 24.73 7.52 -2.89
CA THR C 12 24.85 8.11 -1.56
C THR C 12 23.89 7.50 -0.54
N GLY C 13 22.78 6.94 -1.01
CA GLY C 13 21.84 6.33 -0.09
C GLY C 13 21.94 4.82 -0.01
N ASP C 14 22.96 4.24 -0.64
CA ASP C 14 23.14 2.80 -0.62
C ASP C 14 23.45 2.20 0.74
N ASP C 15 24.03 2.99 1.63
CA ASP C 15 24.38 2.48 2.95
C ASP C 15 23.20 2.48 3.93
N GLY C 16 22.02 2.82 3.44
CA GLY C 16 20.84 2.83 4.28
C GLY C 16 20.55 4.15 4.97
N THR C 17 21.39 5.16 4.72
CA THR C 17 21.19 6.47 5.33
C THR C 17 20.75 7.46 4.25
N THR C 18 20.19 8.58 4.66
CA THR C 18 19.75 9.58 3.70
C THR C 18 19.87 10.98 4.30
N GLY C 19 19.79 12.00 3.46
CA GLY C 19 19.94 13.35 3.97
C GLY C 19 18.65 14.11 4.21
N LEU C 20 18.70 15.05 5.14
CA LEU C 20 17.56 15.91 5.45
C LEU C 20 17.92 17.30 4.96
N GLY C 21 16.93 18.15 4.73
CA GLY C 21 17.18 19.48 4.22
C GLY C 21 18.07 20.39 5.03
N ASP C 22 18.41 20.00 6.25
CA ASP C 22 19.25 20.82 7.11
C ASP C 22 20.72 20.39 7.08
N GLY C 23 21.08 19.56 6.11
CA GLY C 23 22.45 19.11 6.01
C GLY C 23 22.81 17.89 6.84
N SER C 24 21.87 17.44 7.67
CA SER C 24 22.10 16.26 8.51
C SER C 24 21.67 15.00 7.78
N ARG C 25 22.04 13.85 8.32
CA ARG C 25 21.67 12.58 7.74
C ARG C 25 21.09 11.67 8.81
N VAL C 26 20.21 10.77 8.42
CA VAL C 26 19.58 9.83 9.34
C VAL C 26 19.41 8.51 8.62
N ARG C 27 19.21 7.44 9.39
CA ARG C 27 19.01 6.14 8.81
C ARG C 27 17.61 6.17 8.20
N LYS C 28 17.43 5.50 7.06
CA LYS C 28 16.15 5.51 6.37
C LYS C 28 14.94 4.98 7.14
N ASP C 29 15.17 4.34 8.27
CA ASP C 29 14.04 3.84 9.07
C ASP C 29 13.66 4.86 10.14
N ASP C 30 14.30 6.02 10.09
CA ASP C 30 14.04 7.09 11.04
C ASP C 30 12.58 7.53 10.95
N ALA C 31 12.01 7.92 12.08
CA ALA C 31 10.60 8.35 12.12
C ALA C 31 10.28 9.47 11.13
N ARG C 32 11.22 10.39 10.93
CA ARG C 32 10.99 11.49 10.02
C ARG C 32 10.90 11.01 8.57
N ILE C 33 11.71 10.02 8.22
CA ILE C 33 11.72 9.47 6.87
C ILE C 33 10.45 8.66 6.62
N ALA C 34 9.95 8.01 7.67
CA ALA C 34 8.73 7.22 7.55
C ALA C 34 7.56 8.16 7.26
N ALA C 35 7.52 9.29 7.95
CA ALA C 35 6.44 10.26 7.76
C ALA C 35 6.50 10.86 6.35
N ILE C 36 7.71 11.19 5.89
CA ILE C 36 7.89 11.74 4.56
C ILE C 36 7.38 10.70 3.56
N GLY C 37 7.76 9.44 3.78
CA GLY C 37 7.34 8.38 2.89
C GLY C 37 5.82 8.19 2.80
N ASP C 38 5.16 8.17 3.96
CA ASP C 38 3.71 7.99 3.97
C ASP C 38 2.95 9.15 3.33
N VAL C 39 3.45 10.37 3.50
CA VAL C 39 2.81 11.53 2.89
C VAL C 39 2.94 11.40 1.37
N ASP C 40 4.11 10.93 0.93
CA ASP C 40 4.38 10.72 -0.49
C ASP C 40 3.47 9.62 -1.05
N GLU C 41 3.30 8.54 -0.28
CA GLU C 41 2.46 7.44 -0.71
C GLU C 41 1.03 7.93 -0.85
N LEU C 42 0.58 8.73 0.10
CA LEU C 42 -0.77 9.29 0.05
C LEU C 42 -0.93 10.14 -1.21
N ASN C 43 0.01 11.04 -1.44
CA ASN C 43 -0.04 11.93 -2.60
C ASN C 43 -0.09 11.09 -3.88
N SER C 44 0.62 9.96 -3.89
CA SER C 44 0.63 9.09 -5.06
C SER C 44 -0.73 8.42 -5.26
N GLN C 45 -1.38 8.02 -4.16
CA GLN C 45 -2.71 7.40 -4.27
C GLN C 45 -3.70 8.44 -4.79
N ILE C 46 -3.52 9.70 -4.40
CA ILE C 46 -4.40 10.76 -4.86
C ILE C 46 -4.16 10.93 -6.37
N GLY C 47 -2.92 10.69 -6.80
CA GLY C 47 -2.60 10.79 -8.21
C GLY C 47 -3.37 9.75 -9.02
N VAL C 48 -3.57 8.57 -8.43
CA VAL C 48 -4.32 7.51 -9.10
C VAL C 48 -5.79 7.91 -9.19
N LEU C 49 -6.30 8.51 -8.11
CA LEU C 49 -7.70 8.95 -8.09
C LEU C 49 -7.89 10.06 -9.13
N LEU C 50 -6.88 10.89 -9.33
CA LEU C 50 -6.98 11.98 -10.32
C LEU C 50 -6.97 11.46 -11.76
N ALA C 51 -6.64 10.18 -11.95
CA ALA C 51 -6.65 9.61 -13.29
C ALA C 51 -8.04 9.08 -13.63
N GLU C 52 -8.96 9.19 -12.67
CA GLU C 52 -10.34 8.76 -12.88
C GLU C 52 -11.14 9.97 -13.36
N PRO C 53 -12.33 9.74 -13.93
CA PRO C 53 -13.13 10.88 -14.37
C PRO C 53 -13.67 11.46 -13.05
N LEU C 54 -13.72 12.78 -12.94
CA LEU C 54 -14.17 13.43 -11.71
C LEU C 54 -14.94 14.72 -11.97
N PRO C 55 -15.75 15.15 -10.99
CA PRO C 55 -16.49 16.40 -11.17
C PRO C 55 -15.41 17.47 -11.21
N ASP C 56 -15.62 18.54 -11.96
CA ASP C 56 -14.63 19.61 -12.07
C ASP C 56 -14.15 20.18 -10.75
N ASP C 57 -15.07 20.46 -9.83
CA ASP C 57 -14.67 21.03 -8.55
C ASP C 57 -13.85 20.06 -7.71
N VAL C 58 -14.22 18.79 -7.74
CA VAL C 58 -13.48 17.78 -6.98
C VAL C 58 -12.06 17.66 -7.51
N ARG C 59 -11.91 17.68 -8.84
CA ARG C 59 -10.58 17.60 -9.44
C ARG C 59 -9.74 18.80 -9.01
N ALA C 60 -10.36 19.97 -8.98
CA ALA C 60 -9.63 21.19 -8.60
C ALA C 60 -9.15 21.09 -7.15
N ALA C 61 -10.00 20.60 -6.27
CA ALA C 61 -9.64 20.45 -4.86
C ALA C 61 -8.51 19.43 -4.69
N LEU C 62 -8.68 18.25 -5.28
CA LEU C 62 -7.64 17.22 -5.16
C LEU C 62 -6.31 17.62 -5.79
N SER C 63 -6.36 18.38 -6.89
CA SER C 63 -5.14 18.82 -7.53
C SER C 63 -4.40 19.78 -6.61
N ALA C 64 -5.14 20.69 -6.00
CA ALA C 64 -4.56 21.66 -5.09
C ALA C 64 -3.94 20.92 -3.91
N ILE C 65 -4.64 19.89 -3.43
CA ILE C 65 -4.16 19.10 -2.30
C ILE C 65 -2.81 18.44 -2.62
N GLN C 66 -2.61 18.04 -3.87
CA GLN C 66 -1.34 17.43 -4.24
C GLN C 66 -0.18 18.42 -4.04
N HIS C 67 -0.44 19.70 -4.29
CA HIS C 67 0.60 20.72 -4.12
C HIS C 67 0.86 20.91 -2.62
N ASP C 68 -0.22 20.88 -1.84
CA ASP C 68 -0.11 21.03 -0.38
C ASP C 68 0.73 19.89 0.19
N LEU C 69 0.44 18.67 -0.27
CA LEU C 69 1.15 17.49 0.23
C LEU C 69 2.62 17.51 -0.14
N PHE C 70 2.93 18.05 -1.32
CA PHE C 70 4.32 18.16 -1.73
C PHE C 70 5.00 19.13 -0.78
N ASP C 71 4.31 20.21 -0.45
CA ASP C 71 4.82 21.21 0.48
C ASP C 71 5.01 20.63 1.87
N LEU C 72 4.04 19.83 2.29
CA LEU C 72 4.07 19.19 3.60
C LEU C 72 5.29 18.27 3.69
N GLY C 73 5.53 17.49 2.64
CA GLY C 73 6.68 16.61 2.64
C GLY C 73 7.96 17.44 2.74
N GLY C 74 7.92 18.63 2.14
CA GLY C 74 9.06 19.52 2.17
C GLY C 74 9.32 20.01 3.58
N GLU C 75 8.26 20.32 4.32
CA GLU C 75 8.40 20.80 5.69
C GLU C 75 8.99 19.70 6.57
N LEU C 76 8.55 18.46 6.36
CA LEU C 76 9.05 17.34 7.14
C LEU C 76 10.52 17.06 6.84
N CYS C 77 10.93 17.37 5.61
CA CYS C 77 12.31 17.16 5.20
C CYS C 77 13.23 18.20 5.80
N ILE C 78 12.71 19.39 6.07
CA ILE C 78 13.51 20.46 6.66
C ILE C 78 13.04 20.67 8.10
N PRO C 79 13.61 19.92 9.05
CA PRO C 79 13.23 20.04 10.46
C PRO C 79 13.15 21.47 10.95
N GLY C 80 11.99 21.84 11.48
CA GLY C 80 11.80 23.20 11.99
C GLY C 80 11.12 24.10 10.98
N HIS C 81 11.51 23.99 9.72
CA HIS C 81 10.93 24.80 8.65
C HIS C 81 9.41 24.71 8.69
N ALA C 82 8.74 25.75 8.21
CA ALA C 82 7.29 25.78 8.18
C ALA C 82 6.79 26.14 6.79
N ALA C 83 6.04 25.23 6.18
CA ALA C 83 5.50 25.45 4.84
C ALA C 83 3.98 25.44 4.91
N ILE C 84 3.43 24.54 5.72
CA ILE C 84 1.98 24.44 5.86
C ILE C 84 1.53 25.41 6.94
N THR C 85 0.56 26.26 6.61
CA THR C 85 0.07 27.25 7.56
C THR C 85 -1.41 27.07 7.81
N ASP C 86 -1.98 27.93 8.65
CA ASP C 86 -3.40 27.85 8.94
C ASP C 86 -4.19 28.12 7.68
N ALA C 87 -3.58 28.83 6.74
CA ALA C 87 -4.24 29.14 5.48
C ALA C 87 -4.62 27.83 4.77
N HIS C 88 -3.73 26.85 4.83
CA HIS C 88 -4.01 25.55 4.19
C HIS C 88 -5.10 24.80 4.94
N LEU C 89 -5.05 24.88 6.27
CA LEU C 89 -6.06 24.22 7.09
C LEU C 89 -7.42 24.85 6.82
N ALA C 90 -7.45 26.18 6.74
CA ALA C 90 -8.69 26.90 6.50
C ALA C 90 -9.34 26.49 5.19
N ARG C 91 -8.52 26.29 4.16
CA ARG C 91 -9.07 25.90 2.87
C ARG C 91 -9.71 24.53 2.98
N LEU C 92 -9.06 23.61 3.71
CA LEU C 92 -9.63 22.28 3.90
C LEU C 92 -10.96 22.39 4.63
N ASP C 93 -11.00 23.26 5.65
CA ASP C 93 -12.24 23.44 6.40
C ASP C 93 -13.32 23.96 5.45
N GLY C 94 -12.91 24.85 4.54
CA GLY C 94 -13.84 25.40 3.58
C GLY C 94 -14.41 24.32 2.67
N TRP C 95 -13.54 23.46 2.15
CA TRP C 95 -13.99 22.38 1.28
C TRP C 95 -14.89 21.40 2.04
N LEU C 96 -14.56 21.13 3.31
CA LEU C 96 -15.37 20.22 4.10
C LEU C 96 -16.80 20.74 4.23
N ALA C 97 -16.94 22.03 4.55
CA ALA C 97 -18.25 22.64 4.69
C ALA C 97 -18.99 22.57 3.36
N HIS C 98 -18.29 22.93 2.30
CA HIS C 98 -18.86 22.93 0.95
C HIS C 98 -19.42 21.59 0.51
N TYR C 99 -18.60 20.53 0.61
CA TYR C 99 -19.04 19.21 0.17
C TYR C 99 -20.04 18.55 1.10
N ASN C 100 -19.93 18.81 2.40
CA ASN C 100 -20.85 18.22 3.36
C ASN C 100 -22.25 18.80 3.17
N GLY C 101 -22.31 20.08 2.82
CA GLY C 101 -23.60 20.72 2.60
C GLY C 101 -24.12 20.31 1.23
N GLN C 102 -23.36 19.44 0.58
CA GLN C 102 -23.70 18.95 -0.75
C GLN C 102 -24.17 17.50 -0.65
N LEU C 103 -24.22 16.99 0.58
CA LEU C 103 -24.63 15.61 0.84
C LEU C 103 -25.70 15.50 1.92
N PRO C 104 -26.55 14.47 1.83
CA PRO C 104 -27.60 14.27 2.82
C PRO C 104 -26.96 13.71 4.10
N PRO C 105 -27.60 13.94 5.25
CA PRO C 105 -27.06 13.44 6.52
C PRO C 105 -26.76 11.94 6.49
N LEU C 106 -25.54 11.57 6.84
CA LEU C 106 -25.14 10.17 6.86
C LEU C 106 -25.84 9.55 8.07
N GLU C 107 -26.69 8.55 7.82
CA GLU C 107 -27.44 7.91 8.89
C GLU C 107 -26.80 6.62 9.41
N GLU C 108 -26.43 5.72 8.50
CA GLU C 108 -25.82 4.45 8.88
C GLU C 108 -24.33 4.40 8.56
N PHE C 109 -23.63 3.46 9.18
CA PHE C 109 -22.20 3.30 8.96
C PHE C 109 -21.97 2.96 7.49
N ILE C 110 -20.85 3.42 6.96
CA ILE C 110 -20.50 3.19 5.56
C ILE C 110 -19.32 2.24 5.43
N LEU C 111 -19.36 1.38 4.42
CA LEU C 111 -18.27 0.47 4.13
C LEU C 111 -17.54 1.12 2.97
N PRO C 112 -16.20 1.05 2.95
CA PRO C 112 -15.45 1.66 1.85
C PRO C 112 -15.66 0.96 0.51
N GLY C 113 -16.16 1.71 -0.48
CA GLY C 113 -16.40 1.14 -1.79
C GLY C 113 -17.44 1.90 -2.61
N GLY C 114 -17.86 1.32 -3.72
CA GLY C 114 -18.84 1.94 -4.59
C GLY C 114 -18.24 2.07 -5.98
N ALA C 115 -18.45 3.22 -6.62
CA ALA C 115 -17.88 3.45 -7.94
C ALA C 115 -16.36 3.46 -7.73
N ARG C 116 -15.59 3.13 -8.76
CA ARG C 116 -14.13 3.09 -8.62
C ARG C 116 -13.55 4.36 -7.99
N GLY C 117 -14.03 5.52 -8.41
CA GLY C 117 -13.51 6.76 -7.85
C GLY C 117 -13.75 6.85 -6.35
N ALA C 118 -14.95 6.48 -5.92
CA ALA C 118 -15.29 6.53 -4.50
C ALA C 118 -14.43 5.53 -3.72
N ALA C 119 -14.23 4.35 -4.30
CA ALA C 119 -13.43 3.32 -3.65
C ALA C 119 -12.00 3.79 -3.50
N LEU C 120 -11.48 4.45 -4.54
CA LEU C 120 -10.11 4.96 -4.49
C LEU C 120 -9.99 6.07 -3.45
N ALA C 121 -11.03 6.89 -3.33
CA ALA C 121 -11.00 7.98 -2.34
C ALA C 121 -10.90 7.40 -0.93
N HIS C 122 -11.55 6.26 -0.71
CA HIS C 122 -11.49 5.61 0.59
C HIS C 122 -10.11 5.04 0.83
N VAL C 123 -9.47 4.54 -0.23
CA VAL C 123 -8.11 4.01 -0.07
C VAL C 123 -7.23 5.21 0.30
N CYS C 124 -7.46 6.34 -0.35
CA CYS C 124 -6.70 7.56 -0.06
C CYS C 124 -6.90 7.95 1.40
N ARG C 125 -8.15 7.85 1.85
CA ARG C 125 -8.48 8.17 3.23
C ARG C 125 -7.68 7.32 4.21
N THR C 126 -7.62 6.00 3.99
CA THR C 126 -6.88 5.13 4.90
C THR C 126 -5.38 5.39 4.84
N VAL C 127 -4.84 5.67 3.65
CA VAL C 127 -3.42 5.96 3.54
C VAL C 127 -3.13 7.29 4.24
N CYS C 128 -4.09 8.22 4.17
CA CYS C 128 -3.94 9.52 4.81
C CYS C 128 -3.86 9.33 6.34
N ARG C 129 -4.72 8.48 6.88
CA ARG C 129 -4.70 8.22 8.31
C ARG C 129 -3.40 7.52 8.72
N ARG C 130 -2.84 6.74 7.79
CA ARG C 130 -1.58 6.05 8.06
C ARG C 130 -0.46 7.10 8.15
N ALA C 131 -0.51 8.10 7.27
CA ALA C 131 0.48 9.18 7.29
C ALA C 131 0.32 9.99 8.57
N GLU C 132 -0.93 10.15 9.02
CA GLU C 132 -1.18 10.90 10.25
C GLU C 132 -0.54 10.19 11.43
N ARG C 133 -0.63 8.86 11.48
CA ARG C 133 -0.03 8.09 12.56
C ARG C 133 1.48 8.26 12.57
N SER C 134 2.08 8.29 11.37
CA SER C 134 3.52 8.47 11.21
C SER C 134 3.96 9.86 11.64
N ILE C 135 3.15 10.87 11.30
CA ILE C 135 3.45 12.24 11.67
C ILE C 135 3.34 12.38 13.19
N VAL C 136 2.31 11.75 13.76
CA VAL C 136 2.13 11.79 15.21
C VAL C 136 3.31 11.10 15.89
N ALA C 137 3.75 9.97 15.34
CA ALA C 137 4.89 9.24 15.90
C ALA C 137 6.15 10.10 15.86
N LEU C 138 6.32 10.87 14.78
CA LEU C 138 7.49 11.73 14.66
C LEU C 138 7.51 12.77 15.79
N GLY C 139 6.33 13.28 16.13
CA GLY C 139 6.22 14.27 17.20
C GLY C 139 6.58 13.73 18.57
N ALA C 140 6.50 12.41 18.73
CA ALA C 140 6.84 11.79 20.01
C ALA C 140 8.35 11.83 20.25
N SER C 141 9.13 11.95 19.18
CA SER C 141 10.59 11.97 19.34
C SER C 141 11.22 13.33 19.02
N GLU C 142 10.49 14.19 18.32
CA GLU C 142 11.02 15.51 17.96
C GLU C 142 9.95 16.59 18.04
N PRO C 143 10.37 17.83 18.35
CA PRO C 143 9.40 18.92 18.44
C PRO C 143 8.85 19.04 17.02
N LEU C 144 7.55 19.29 16.89
CA LEU C 144 6.97 19.38 15.56
C LEU C 144 5.81 20.36 15.50
N ASN C 145 5.79 21.21 14.48
CA ASN C 145 4.71 22.15 14.31
C ASN C 145 3.41 21.35 14.20
N ALA C 146 2.32 21.95 14.62
CA ALA C 146 1.02 21.28 14.61
C ALA C 146 0.34 21.22 13.24
N ALA C 147 0.68 22.15 12.35
CA ALA C 147 0.05 22.19 11.02
C ALA C 147 0.04 20.89 10.23
N PRO C 148 1.19 20.21 10.13
CA PRO C 148 1.22 18.94 9.38
C PRO C 148 0.16 17.94 9.84
N ARG C 149 0.09 17.68 11.15
CA ARG C 149 -0.90 16.74 11.67
C ARG C 149 -2.32 17.25 11.47
N ARG C 150 -2.54 18.54 11.73
CA ARG C 150 -3.86 19.11 11.57
C ARG C 150 -4.31 19.02 10.12
N TYR C 151 -3.37 19.19 9.19
CA TYR C 151 -3.68 19.11 7.78
C TYR C 151 -4.15 17.71 7.38
N VAL C 152 -3.35 16.69 7.68
CA VAL C 152 -3.76 15.35 7.29
C VAL C 152 -4.98 14.87 8.06
N ASN C 153 -5.18 15.38 9.28
CA ASN C 153 -6.35 14.98 10.05
C ASN C 153 -7.59 15.47 9.32
N ARG C 154 -7.55 16.73 8.89
CA ARG C 154 -8.67 17.33 8.16
C ARG C 154 -8.85 16.66 6.81
N LEU C 155 -7.73 16.37 6.15
CA LEU C 155 -7.79 15.73 4.84
C LEU C 155 -8.45 14.34 4.89
N SER C 156 -8.21 13.58 5.95
CA SER C 156 -8.83 12.25 6.04
C SER C 156 -10.35 12.41 6.09
N ASP C 157 -10.83 13.43 6.79
CA ASP C 157 -12.27 13.66 6.87
C ASP C 157 -12.79 14.11 5.51
N LEU C 158 -12.03 14.97 4.84
CA LEU C 158 -12.43 15.47 3.53
C LEU C 158 -12.49 14.34 2.50
N LEU C 159 -11.53 13.43 2.54
CA LEU C 159 -11.51 12.30 1.61
C LEU C 159 -12.73 11.40 1.82
N PHE C 160 -13.21 11.30 3.06
CA PHE C 160 -14.39 10.49 3.36
C PHE C 160 -15.59 11.15 2.68
N VAL C 161 -15.69 12.47 2.85
CA VAL C 161 -16.78 13.22 2.26
C VAL C 161 -16.70 13.18 0.73
N LEU C 162 -15.51 13.32 0.18
CA LEU C 162 -15.35 13.28 -1.27
C LEU C 162 -15.74 11.91 -1.83
N ALA C 163 -15.52 10.85 -1.06
CA ALA C 163 -15.89 9.51 -1.52
C ALA C 163 -17.41 9.47 -1.72
N ARG C 164 -18.14 10.03 -0.76
CA ARG C 164 -19.60 10.07 -0.85
C ARG C 164 -20.03 10.90 -2.06
N VAL C 165 -19.33 12.02 -2.27
CA VAL C 165 -19.63 12.89 -3.41
C VAL C 165 -19.40 12.16 -4.72
N LEU C 166 -18.30 11.40 -4.79
CA LEU C 166 -17.97 10.68 -6.01
C LEU C 166 -18.95 9.54 -6.30
N ASN C 167 -19.49 8.92 -5.26
CA ASN C 167 -20.45 7.84 -5.51
C ASN C 167 -21.71 8.40 -6.15
N ARG C 168 -22.15 9.56 -5.69
CA ARG C 168 -23.33 10.18 -6.25
C ARG C 168 -23.06 10.69 -7.66
N ALA C 169 -21.89 11.27 -7.87
CA ALA C 169 -21.52 11.80 -9.18
C ALA C 169 -21.40 10.71 -10.23
N ALA C 170 -20.98 9.52 -9.81
CA ALA C 170 -20.81 8.40 -10.72
C ALA C 170 -22.12 7.62 -10.92
N GLY C 171 -23.18 8.10 -10.29
CA GLY C 171 -24.49 7.45 -10.38
C GLY C 171 -24.46 6.17 -9.54
N GLY C 172 -23.57 6.16 -8.56
CA GLY C 172 -23.44 5.00 -7.69
C GLY C 172 -24.03 5.34 -6.32
N ALA C 173 -23.59 4.62 -5.29
CA ALA C 173 -24.10 4.87 -3.95
C ALA C 173 -23.16 4.34 -2.89
N ASP C 174 -23.19 4.94 -1.70
CA ASP C 174 -22.36 4.50 -0.59
C ASP C 174 -22.79 3.10 -0.18
N VAL C 175 -21.84 2.29 0.24
CA VAL C 175 -22.13 0.93 0.68
C VAL C 175 -22.40 0.94 2.18
N LEU C 176 -23.64 0.60 2.55
CA LEU C 176 -24.04 0.59 3.95
C LEU C 176 -23.78 -0.77 4.60
MG MG D . -1.19 -17.76 6.78
C1 GOL E . 1.67 -1.37 9.80
O1 GOL E . 1.29 -1.52 8.47
C2 GOL E . 1.26 0.00 10.28
O2 GOL E . 0.49 0.90 9.47
C3 GOL E . 1.44 0.39 11.73
O3 GOL E . 2.65 1.08 11.90
MG MG F . 17.15 6.46 -3.06
PG ATP G . -0.89 -20.85 7.54
O1G ATP G . -1.42 -20.49 8.91
O2G ATP G . -1.08 -22.29 7.17
O3G ATP G . -1.49 -20.00 6.44
PB ATP G . 1.52 -19.18 7.92
O1B ATP G . 0.56 -18.10 8.25
O2B ATP G . 2.59 -19.47 8.95
O3B ATP G . 0.74 -20.59 7.55
PA ATP G . 1.58 -18.50 5.08
O1A ATP G . 0.54 -17.43 5.27
O2A ATP G . 1.20 -19.80 4.42
O3A ATP G . 2.30 -18.84 6.52
O5' ATP G . 2.76 -17.81 4.25
C5' ATP G . 3.95 -18.52 3.93
C4' ATP G . 5.18 -17.59 3.99
O4' ATP G . 4.83 -16.18 3.99
C3' ATP G . 6.03 -17.87 5.21
O3' ATP G . 7.29 -18.43 4.84
C2' ATP G . 6.18 -16.53 5.93
O2' ATP G . 7.57 -16.16 6.05
C1' ATP G . 5.39 -15.50 5.12
N9 ATP G . 4.30 -14.85 5.93
C8 ATP G . 3.37 -15.47 6.70
N7 ATP G . 2.53 -14.59 7.29
C5 ATP G . 2.92 -13.35 6.92
C6 ATP G . 2.48 -11.95 7.19
N6 ATP G . 1.40 -11.69 8.01
N1 ATP G . 3.17 -10.92 6.59
C2 ATP G . 4.23 -11.14 5.76
N3 ATP G . 4.69 -12.40 5.47
C4 ATP G . 4.09 -13.52 6.01
PG ATP H . 20.11 7.92 -3.67
O1G ATP H . 20.80 6.75 -3.04
O2G ATP H . 20.95 8.66 -4.66
O3G ATP H . 18.81 7.50 -4.30
PB ATP H . 18.81 8.72 -1.22
O1B ATP H . 18.30 7.31 -1.26
O2B ATP H . 19.53 9.17 0.03
O3B ATP H . 19.76 9.00 -2.51
PA ATP H . 16.53 9.74 -2.72
O1A ATP H . 16.06 8.35 -2.96
O2A ATP H . 17.08 10.56 -3.85
O3A ATP H . 17.60 9.78 -1.48
O5' ATP H . 15.28 10.53 -2.07
C5' ATP H . 15.28 11.95 -1.98
C4' ATP H . 14.76 12.40 -0.61
O4' ATP H . 13.73 11.51 -0.10
C3' ATP H . 15.86 12.49 0.43
O3' ATP H . 16.09 13.86 0.78
C2' ATP H . 15.40 11.63 1.59
O2' ATP H . 15.28 12.43 2.77
C1' ATP H . 14.06 11.02 1.21
N9 ATP H . 14.11 9.52 1.15
C8 ATP H . 15.14 8.75 0.71
N7 ATP H . 14.84 7.42 0.78
C5 ATP H . 13.60 7.32 1.27
C6 ATP H . 12.66 6.21 1.60
N6 ATP H . 13.01 4.93 1.41
N1 ATP H . 11.41 6.54 2.11
C2 ATP H . 11.03 7.85 2.31
N3 ATP H . 11.84 8.90 2.03
C4 ATP H . 13.11 8.71 1.52
C1 GOL I . 6.14 -1.80 8.98
O1 GOL I . 5.98 -3.02 9.62
C2 GOL I . 5.49 -1.82 7.59
O2 GOL I . 4.73 -2.92 7.07
C3 GOL I . 5.44 -0.58 6.77
O3 GOL I . 6.55 -0.60 5.92
C1 GOL J . 5.87 3.10 9.48
O1 GOL J . 7.22 3.39 9.33
C2 GOL J . 5.13 3.15 8.13
O2 GOL J . 5.78 3.36 6.88
C3 GOL J . 3.69 2.76 8.03
O3 GOL J . 2.92 3.92 8.14
#